data_2DTE
#
_entry.id   2DTE
#
_cell.length_a   81.511
_cell.length_b   81.511
_cell.length_c   138.390
_cell.angle_alpha   90.00
_cell.angle_beta   90.00
_cell.angle_gamma   120.00
#
_symmetry.space_group_name_H-M   'P 32 2 1'
#
loop_
_entity.id
_entity.type
_entity.pdbx_description
1 polymer 'Glucose 1-dehydrogenase related protein'
2 non-polymer '1,4-DIHYDRONICOTINAMIDE ADENINE DINUCLEOTIDE'
3 water water
#
_entity_poly.entity_id   1
_entity_poly.type   'polypeptide(L)'
_entity_poly.pdbx_seq_one_letter_code
;MGFSDLRDKVVIVTGASMGIGRAIAERFVDEGSKVIDLSIHDPGEAKYDHIECDVTNPDQVKASIDHIFKEYGSISVLVN
NAGIESYGKIESMSMGEWRRIIDVNLFGYYYASKFAIPYMIRSRDPSIVNISSVQASIITKNASAYVTSKHAVIGLTKSI
ALDYAPLLRCNAVCPATIDTPLVRKAAELEVGSDPMRIEKKISEWGHEHPMQRIGKPQEVASAVAFLASREASFITGTCL
YVDGGLSIRAPISTPELEHHHHHH
;
_entity_poly.pdbx_strand_id   A,B
#
loop_
_chem_comp.id
_chem_comp.type
_chem_comp.name
_chem_comp.formula
NAI non-polymer '1,4-DIHYDRONICOTINAMIDE ADENINE DINUCLEOTIDE' 'C21 H29 N7 O14 P2'
#
# COMPACT_ATOMS: atom_id res chain seq x y z
N GLY A 2 28.41 7.53 16.46
CA GLY A 2 27.41 6.45 16.26
C GLY A 2 26.36 6.42 17.35
N PHE A 3 25.47 5.43 17.29
CA PHE A 3 24.42 5.30 18.28
C PHE A 3 24.79 4.20 19.28
N SER A 4 25.51 4.64 20.31
CA SER A 4 26.02 3.77 21.36
C SER A 4 25.04 2.72 21.88
N ASP A 5 23.77 3.10 21.99
CA ASP A 5 22.76 2.20 22.52
C ASP A 5 22.57 0.92 21.70
N LEU A 6 23.03 0.92 20.46
CA LEU A 6 22.89 -0.25 19.59
C LEU A 6 23.92 -1.34 19.90
N ARG A 7 25.00 -0.96 20.58
CA ARG A 7 26.03 -1.96 20.87
C ARG A 7 25.50 -3.19 21.62
N ASP A 8 25.94 -4.35 21.15
CA ASP A 8 25.57 -5.65 21.70
C ASP A 8 24.14 -6.10 21.50
N LYS A 9 23.30 -5.25 20.91
CA LYS A 9 21.92 -5.64 20.68
C LYS A 9 21.82 -6.55 19.46
N VAL A 10 20.85 -7.46 19.50
CA VAL A 10 20.62 -8.41 18.43
C VAL A 10 19.77 -7.73 17.36
N VAL A 11 20.32 -7.70 16.14
CA VAL A 11 19.70 -7.05 15.00
C VAL A 11 19.56 -8.01 13.82
N ILE A 12 18.33 -8.17 13.33
CA ILE A 12 18.07 -9.02 12.17
C ILE A 12 17.83 -8.10 10.98
N VAL A 13 18.50 -8.38 9.88
CA VAL A 13 18.33 -7.59 8.66
C VAL A 13 18.01 -8.56 7.52
N THR A 14 16.88 -8.39 6.85
CA THR A 14 16.58 -9.28 5.73
C THR A 14 17.19 -8.72 4.44
N GLY A 15 17.63 -9.62 3.56
CA GLY A 15 18.23 -9.19 2.32
C GLY A 15 19.51 -8.39 2.52
N ALA A 16 20.36 -8.86 3.45
CA ALA A 16 21.60 -8.14 3.76
C ALA A 16 22.85 -8.78 3.14
N SER A 17 22.68 -9.54 2.05
CA SER A 17 23.81 -10.15 1.40
C SER A 17 24.42 -9.27 0.30
N MET A 18 23.77 -8.13 0.03
CA MET A 18 24.25 -7.18 -0.97
C MET A 18 23.48 -5.87 -0.88
N GLY A 19 23.91 -4.88 -1.66
CA GLY A 19 23.24 -3.59 -1.71
C GLY A 19 22.98 -2.87 -0.40
N ILE A 20 21.80 -2.24 -0.32
CA ILE A 20 21.41 -1.51 0.87
C ILE A 20 21.42 -2.36 2.12
N GLY A 21 20.94 -3.59 2.01
CA GLY A 21 20.89 -4.49 3.16
C GLY A 21 22.28 -4.80 3.70
N ARG A 22 23.24 -4.98 2.82
CA ARG A 22 24.60 -5.27 3.26
C ARG A 22 25.15 -4.04 3.96
N ALA A 23 24.84 -2.87 3.41
CA ALA A 23 25.29 -1.62 4.01
C ALA A 23 24.70 -1.45 5.40
N ILE A 24 23.42 -1.80 5.55
CA ILE A 24 22.74 -1.71 6.85
C ILE A 24 23.38 -2.66 7.85
N ALA A 25 23.58 -3.90 7.42
CA ALA A 25 24.19 -4.88 8.31
C ALA A 25 25.58 -4.42 8.78
N GLU A 26 26.40 -3.95 7.84
CA GLU A 26 27.75 -3.50 8.19
C GLU A 26 27.75 -2.32 9.14
N ARG A 27 26.78 -1.41 8.99
CA ARG A 27 26.68 -0.27 9.88
C ARG A 27 26.35 -0.75 11.29
N PHE A 28 25.39 -1.67 11.41
CA PHE A 28 25.07 -2.16 12.73
C PHE A 28 26.29 -2.90 13.33
N VAL A 29 27.05 -3.60 12.50
CA VAL A 29 28.23 -4.28 13.02
C VAL A 29 29.20 -3.23 13.56
N ASP A 30 29.36 -2.13 12.82
CA ASP A 30 30.25 -1.07 13.27
C ASP A 30 29.74 -0.44 14.58
N GLU A 31 28.43 -0.49 14.78
CA GLU A 31 27.84 0.06 15.99
C GLU A 31 28.02 -0.90 17.17
N GLY A 32 28.55 -2.08 16.89
CA GLY A 32 28.77 -3.06 17.94
C GLY A 32 27.65 -4.07 18.15
N SER A 33 26.67 -4.07 17.25
CA SER A 33 25.54 -4.98 17.36
C SER A 33 25.87 -6.40 16.89
N LYS A 34 25.04 -7.35 17.31
CA LYS A 34 25.15 -8.75 16.90
C LYS A 34 24.14 -8.82 15.75
N VAL A 35 24.66 -8.89 14.53
CA VAL A 35 23.83 -8.87 13.33
C VAL A 35 23.65 -10.19 12.62
N ILE A 36 22.42 -10.46 12.19
CA ILE A 36 22.12 -11.69 11.45
C ILE A 36 21.34 -11.37 10.19
N ASP A 37 21.87 -11.83 9.07
CA ASP A 37 21.26 -11.65 7.77
C ASP A 37 20.29 -12.80 7.46
N LEU A 38 19.11 -12.47 6.98
CA LEU A 38 18.17 -13.50 6.54
C LEU A 38 18.01 -13.22 5.05
N SER A 39 18.61 -14.06 4.22
CA SER A 39 18.49 -13.85 2.78
C SER A 39 18.74 -15.14 2.01
N ILE A 40 18.55 -15.06 0.70
CA ILE A 40 18.73 -16.21 -0.18
C ILE A 40 20.06 -16.18 -0.93
N HIS A 41 21.03 -15.47 -0.39
CA HIS A 41 22.34 -15.37 -1.01
C HIS A 41 23.42 -15.32 0.07
N ASP A 42 24.49 -16.08 -0.12
CA ASP A 42 25.59 -16.10 0.85
C ASP A 42 26.50 -14.91 0.60
N PRO A 43 26.55 -13.96 1.55
CA PRO A 43 27.41 -12.79 1.39
C PRO A 43 28.88 -13.19 1.43
N GLY A 44 29.13 -14.45 1.74
CA GLY A 44 30.49 -14.94 1.83
C GLY A 44 31.14 -14.46 3.11
N GLU A 45 32.40 -14.05 3.00
CA GLU A 45 33.14 -13.56 4.16
C GLU A 45 32.56 -12.25 4.66
N ALA A 46 31.78 -12.32 5.73
CA ALA A 46 31.16 -11.13 6.31
C ALA A 46 31.32 -11.15 7.82
N LYS A 47 31.29 -9.96 8.42
CA LYS A 47 31.43 -9.83 9.87
C LYS A 47 30.11 -10.11 10.57
N TYR A 48 29.07 -10.37 9.80
CA TYR A 48 27.78 -10.67 10.41
C TYR A 48 27.35 -12.10 10.09
N ASP A 49 26.42 -12.61 10.88
CA ASP A 49 25.90 -13.95 10.74
C ASP A 49 24.95 -14.01 9.54
N HIS A 50 24.72 -15.21 9.01
CA HIS A 50 23.82 -15.39 7.88
C HIS A 50 23.05 -16.69 8.00
N ILE A 51 21.76 -16.65 7.68
CA ILE A 51 20.91 -17.83 7.69
C ILE A 51 20.17 -17.82 6.36
N GLU A 52 20.26 -18.94 5.64
CA GLU A 52 19.58 -19.08 4.36
C GLU A 52 18.10 -18.97 4.66
N CYS A 53 17.43 -17.97 4.08
CA CYS A 53 16.04 -17.80 4.37
C CYS A 53 15.31 -17.01 3.30
N ASP A 54 14.26 -17.62 2.74
CA ASP A 54 13.42 -17.03 1.71
C ASP A 54 12.27 -16.35 2.47
N VAL A 55 12.21 -15.02 2.44
CA VAL A 55 11.17 -14.32 3.17
C VAL A 55 9.73 -14.60 2.73
N THR A 56 9.54 -15.24 1.58
CA THR A 56 8.18 -15.58 1.15
C THR A 56 7.72 -16.90 1.76
N ASN A 57 8.61 -17.58 2.47
CA ASN A 57 8.31 -18.84 3.11
C ASN A 57 8.13 -18.53 4.61
N PRO A 58 6.88 -18.41 5.08
CA PRO A 58 6.62 -18.10 6.49
C PRO A 58 7.18 -19.11 7.47
N ASP A 59 7.19 -20.39 7.07
CA ASP A 59 7.72 -21.42 7.95
C ASP A 59 9.23 -21.28 8.13
N GLN A 60 9.93 -21.00 7.03
CA GLN A 60 11.37 -20.82 7.11
C GLN A 60 11.67 -19.53 7.88
N VAL A 61 10.90 -18.48 7.63
CA VAL A 61 11.10 -17.22 8.35
C VAL A 61 10.91 -17.43 9.85
N LYS A 62 9.82 -18.10 10.22
CA LYS A 62 9.54 -18.37 11.62
C LYS A 62 10.68 -19.20 12.23
N ALA A 63 11.09 -20.27 11.54
CA ALA A 63 12.16 -21.13 12.06
C ALA A 63 13.47 -20.40 12.23
N SER A 64 13.79 -19.51 11.30
CA SER A 64 15.03 -18.76 11.36
C SER A 64 15.04 -17.79 12.54
N ILE A 65 13.91 -17.12 12.76
CA ILE A 65 13.79 -16.17 13.86
C ILE A 65 13.77 -16.92 15.20
N ASP A 66 13.07 -18.04 15.27
CA ASP A 66 13.03 -18.83 16.51
C ASP A 66 14.47 -19.23 16.85
N HIS A 67 15.23 -19.63 15.83
CA HIS A 67 16.61 -20.05 16.04
C HIS A 67 17.47 -18.90 16.53
N ILE A 68 17.28 -17.71 15.97
CA ILE A 68 18.07 -16.57 16.40
C ILE A 68 17.79 -16.22 17.86
N PHE A 69 16.52 -16.27 18.27
CA PHE A 69 16.20 -15.94 19.64
C PHE A 69 16.84 -16.93 20.60
N LYS A 70 16.81 -18.22 20.25
CA LYS A 70 17.41 -19.25 21.09
C LYS A 70 18.92 -19.11 21.19
N GLU A 71 19.55 -18.82 20.07
CA GLU A 71 21.00 -18.67 19.99
C GLU A 71 21.56 -17.41 20.64
N TYR A 72 20.87 -16.29 20.44
CA TYR A 72 21.32 -15.00 20.95
C TYR A 72 20.66 -14.49 22.22
N GLY A 73 19.49 -15.03 22.56
CA GLY A 73 18.80 -14.63 23.77
C GLY A 73 17.80 -13.49 23.71
N SER A 74 17.76 -12.80 22.57
CA SER A 74 16.83 -11.69 22.40
C SER A 74 16.87 -11.20 20.96
N ILE A 75 15.95 -10.31 20.63
CA ILE A 75 15.91 -9.66 19.32
C ILE A 75 15.45 -8.25 19.64
N SER A 76 16.31 -7.27 19.37
CA SER A 76 15.96 -5.87 19.65
C SER A 76 15.56 -5.07 18.43
N VAL A 77 16.13 -5.41 17.28
CA VAL A 77 15.84 -4.67 16.05
C VAL A 77 15.62 -5.59 14.87
N LEU A 78 14.61 -5.27 14.06
CA LEU A 78 14.34 -6.01 12.85
C LEU A 78 14.30 -4.99 11.72
N VAL A 79 15.12 -5.22 10.70
CA VAL A 79 15.13 -4.35 9.54
C VAL A 79 14.62 -5.17 8.36
N ASN A 80 13.44 -4.84 7.89
CA ASN A 80 12.87 -5.52 6.72
C ASN A 80 13.40 -4.76 5.53
N ASN A 81 14.19 -5.44 4.70
CA ASN A 81 14.82 -4.82 3.54
C ASN A 81 14.73 -5.63 2.25
N ALA A 82 14.70 -6.96 2.36
CA ALA A 82 14.65 -7.82 1.19
C ALA A 82 13.56 -7.37 0.22
N GLY A 83 13.93 -7.19 -1.04
CA GLY A 83 12.94 -6.76 -2.01
C GLY A 83 13.44 -6.96 -3.41
N ILE A 84 12.51 -7.01 -4.35
CA ILE A 84 12.84 -7.19 -5.75
C ILE A 84 12.04 -6.23 -6.62
N GLU A 85 12.48 -6.09 -7.86
CA GLU A 85 11.76 -5.27 -8.80
C GLU A 85 11.96 -5.79 -10.21
N SER A 86 10.84 -5.93 -10.90
CA SER A 86 10.78 -6.35 -12.29
C SER A 86 9.87 -5.29 -12.90
N TYR A 87 9.98 -5.07 -14.20
CA TYR A 87 9.18 -4.03 -14.84
C TYR A 87 8.09 -4.52 -15.75
N GLY A 88 7.03 -3.73 -15.89
CA GLY A 88 5.95 -4.14 -16.75
C GLY A 88 4.64 -3.44 -16.49
N LYS A 89 3.90 -3.20 -17.57
CA LYS A 89 2.60 -2.58 -17.50
C LYS A 89 1.65 -3.64 -16.93
N ILE A 90 0.59 -3.21 -16.26
CA ILE A 90 -0.35 -4.16 -15.69
C ILE A 90 -0.85 -5.15 -16.73
N GLU A 91 -0.80 -4.76 -18.00
CA GLU A 91 -1.26 -5.63 -19.08
C GLU A 91 -0.18 -6.55 -19.64
N SER A 92 1.08 -6.24 -19.39
CA SER A 92 2.17 -7.05 -19.91
C SER A 92 2.74 -8.04 -18.90
N MET A 93 2.88 -7.61 -17.65
CA MET A 93 3.42 -8.51 -16.63
C MET A 93 2.41 -9.62 -16.32
N SER A 94 2.91 -10.84 -16.20
CA SER A 94 2.03 -11.96 -15.91
C SER A 94 1.47 -11.75 -14.51
N MET A 95 0.30 -12.32 -14.24
CA MET A 95 -0.30 -12.18 -12.93
C MET A 95 0.60 -12.85 -11.90
N GLY A 96 1.32 -13.89 -12.32
CA GLY A 96 2.20 -14.59 -11.42
C GLY A 96 3.36 -13.73 -10.95
N GLU A 97 3.99 -13.02 -11.87
CA GLU A 97 5.11 -12.16 -11.55
C GLU A 97 4.65 -10.98 -10.69
N TRP A 98 3.47 -10.45 -11.00
CA TRP A 98 2.90 -9.32 -10.26
C TRP A 98 2.72 -9.77 -8.81
N ARG A 99 2.12 -10.94 -8.63
CA ARG A 99 1.88 -11.47 -7.29
C ARG A 99 3.20 -11.77 -6.58
N ARG A 100 4.19 -12.29 -7.30
CA ARG A 100 5.48 -12.61 -6.69
C ARG A 100 6.14 -11.36 -6.11
N ILE A 101 6.01 -10.23 -6.79
CA ILE A 101 6.59 -8.99 -6.28
C ILE A 101 5.89 -8.59 -4.98
N ILE A 102 4.58 -8.73 -4.91
CA ILE A 102 3.84 -8.41 -3.68
C ILE A 102 4.28 -9.41 -2.60
N ASP A 103 4.48 -10.67 -2.99
CA ASP A 103 4.87 -11.68 -2.02
C ASP A 103 6.18 -11.36 -1.31
N VAL A 104 7.21 -11.01 -2.08
CA VAL A 104 8.50 -10.67 -1.47
C VAL A 104 8.46 -9.33 -0.75
N ASN A 105 8.04 -8.29 -1.48
CA ASN A 105 8.05 -6.92 -0.96
C ASN A 105 7.10 -6.56 0.17
N LEU A 106 5.95 -7.23 0.21
CA LEU A 106 4.99 -6.96 1.27
C LEU A 106 4.87 -8.14 2.22
N PHE A 107 4.56 -9.32 1.68
CA PHE A 107 4.39 -10.46 2.58
C PHE A 107 5.65 -10.85 3.33
N GLY A 108 6.81 -10.62 2.72
CA GLY A 108 8.06 -10.92 3.40
C GLY A 108 8.18 -10.06 4.65
N TYR A 109 7.77 -8.79 4.54
CA TYR A 109 7.81 -7.87 5.68
C TYR A 109 6.77 -8.29 6.73
N TYR A 110 5.62 -8.73 6.26
CA TYR A 110 4.55 -9.17 7.15
C TYR A 110 5.01 -10.41 7.95
N TYR A 111 5.58 -11.40 7.27
CA TYR A 111 6.03 -12.62 7.96
C TYR A 111 7.14 -12.36 8.96
N ALA A 112 8.20 -11.66 8.54
CA ALA A 112 9.31 -11.39 9.44
C ALA A 112 8.83 -10.62 10.67
N SER A 113 7.96 -9.63 10.45
CA SER A 113 7.44 -8.85 11.56
C SER A 113 6.58 -9.69 12.47
N LYS A 114 5.68 -10.47 11.89
CA LYS A 114 4.78 -11.29 12.67
C LYS A 114 5.50 -12.27 13.59
N PHE A 115 6.59 -12.86 13.12
CA PHE A 115 7.29 -13.84 13.94
C PHE A 115 8.34 -13.25 14.85
N ALA A 116 8.84 -12.05 14.54
CA ALA A 116 9.85 -11.44 15.41
C ALA A 116 9.23 -10.70 16.57
N ILE A 117 8.08 -10.06 16.34
CA ILE A 117 7.45 -9.25 17.38
C ILE A 117 7.28 -9.88 18.76
N PRO A 118 6.76 -11.12 18.85
CA PRO A 118 6.60 -11.74 20.18
C PRO A 118 7.89 -11.76 20.98
N TYR A 119 9.00 -12.01 20.29
CA TYR A 119 10.32 -12.03 20.92
C TYR A 119 10.81 -10.62 21.22
N MET A 120 10.62 -9.71 20.27
CA MET A 120 11.06 -8.34 20.44
C MET A 120 10.46 -7.63 21.65
N ILE A 121 9.18 -7.88 21.92
CA ILE A 121 8.54 -7.23 23.05
C ILE A 121 9.09 -7.75 24.38
N ARG A 122 9.94 -8.78 24.32
CA ARG A 122 10.55 -9.31 25.53
C ARG A 122 11.87 -8.58 25.78
N SER A 123 12.20 -7.66 24.89
CA SER A 123 13.42 -6.86 25.04
C SER A 123 13.03 -5.42 25.34
N ARG A 124 14.00 -4.61 25.75
CA ARG A 124 13.72 -3.21 26.08
C ARG A 124 13.75 -2.32 24.84
N ASP A 125 12.68 -1.56 24.64
CA ASP A 125 12.55 -0.65 23.52
C ASP A 125 12.99 -1.21 22.16
N PRO A 126 12.30 -2.25 21.71
CA PRO A 126 12.59 -2.89 20.42
C PRO A 126 12.16 -1.93 19.31
N SER A 127 12.72 -2.10 18.13
CA SER A 127 12.40 -1.23 17.01
C SER A 127 12.45 -1.97 15.68
N ILE A 128 11.47 -1.70 14.83
CA ILE A 128 11.43 -2.29 13.50
C ILE A 128 11.58 -1.16 12.48
N VAL A 129 12.43 -1.37 11.48
CA VAL A 129 12.61 -0.36 10.43
C VAL A 129 12.33 -1.08 9.10
N ASN A 130 11.37 -0.56 8.36
CA ASN A 130 11.01 -1.15 7.06
C ASN A 130 11.50 -0.30 5.92
N ILE A 131 12.16 -0.91 4.95
CA ILE A 131 12.65 -0.13 3.81
C ILE A 131 11.55 -0.08 2.74
N SER A 132 10.99 1.11 2.54
CA SER A 132 9.96 1.30 1.52
C SER A 132 10.67 1.90 0.28
N SER A 133 10.26 3.08 -0.15
CA SER A 133 10.86 3.72 -1.33
C SER A 133 10.29 5.11 -1.45
N VAL A 134 10.99 5.98 -2.19
CA VAL A 134 10.49 7.32 -2.46
C VAL A 134 9.22 7.09 -3.27
N GLN A 135 9.09 5.90 -3.87
CA GLN A 135 7.91 5.57 -4.67
C GLN A 135 6.66 5.28 -3.85
N ALA A 136 6.73 5.54 -2.54
CA ALA A 136 5.55 5.44 -1.69
C ALA A 136 4.83 6.78 -1.91
N SER A 137 5.52 7.73 -2.56
CA SER A 137 4.97 9.06 -2.85
C SER A 137 4.99 9.37 -4.35
N ILE A 138 6.18 9.56 -4.92
CA ILE A 138 6.30 9.84 -6.37
C ILE A 138 6.79 8.56 -7.06
N ILE A 139 6.09 8.20 -8.13
CA ILE A 139 6.35 6.92 -8.79
C ILE A 139 6.90 6.90 -10.22
N THR A 140 7.36 5.71 -10.61
CA THR A 140 7.90 5.51 -11.95
C THR A 140 6.91 4.74 -12.82
N LYS A 141 7.11 4.77 -14.13
CA LYS A 141 6.23 4.09 -15.06
C LYS A 141 6.64 2.61 -15.17
N ASN A 142 5.69 1.78 -15.58
CA ASN A 142 5.93 0.34 -15.77
C ASN A 142 6.42 -0.35 -14.50
N ALA A 143 5.93 0.10 -13.35
CA ALA A 143 6.35 -0.50 -12.07
C ALA A 143 5.14 -0.72 -11.15
N SER A 144 4.03 -1.14 -11.74
CA SER A 144 2.78 -1.38 -11.05
C SER A 144 2.92 -2.17 -9.75
N ALA A 145 3.40 -3.40 -9.87
CA ALA A 145 3.53 -4.23 -8.67
C ALA A 145 4.48 -3.66 -7.62
N TYR A 146 5.62 -3.14 -8.08
CA TYR A 146 6.60 -2.56 -7.18
C TYR A 146 6.03 -1.37 -6.41
N VAL A 147 5.43 -0.44 -7.15
CA VAL A 147 4.84 0.74 -6.53
C VAL A 147 3.75 0.36 -5.54
N THR A 148 2.90 -0.57 -5.94
CA THR A 148 1.82 -1.03 -5.05
C THR A 148 2.44 -1.62 -3.77
N SER A 149 3.46 -2.44 -3.93
CA SER A 149 4.05 -3.06 -2.75
C SER A 149 4.68 -2.05 -1.80
N LYS A 150 5.29 -1.00 -2.34
CA LYS A 150 5.95 -0.02 -1.48
C LYS A 150 4.96 0.86 -0.72
N HIS A 151 3.80 1.13 -1.34
CA HIS A 151 2.73 1.86 -0.66
C HIS A 151 2.20 0.94 0.46
N ALA A 152 2.04 -0.35 0.15
CA ALA A 152 1.54 -1.32 1.13
C ALA A 152 2.45 -1.36 2.34
N VAL A 153 3.77 -1.31 2.12
CA VAL A 153 4.73 -1.33 3.22
C VAL A 153 4.50 -0.16 4.19
N ILE A 154 4.12 1.01 3.68
CA ILE A 154 3.84 2.14 4.55
C ILE A 154 2.63 1.84 5.45
N GLY A 155 1.60 1.21 4.88
CA GLY A 155 0.42 0.88 5.68
C GLY A 155 0.77 -0.12 6.77
N LEU A 156 1.56 -1.12 6.42
CA LEU A 156 1.97 -2.12 7.41
C LEU A 156 2.77 -1.47 8.52
N THR A 157 3.63 -0.55 8.13
CA THR A 157 4.48 0.17 9.08
C THR A 157 3.63 0.94 10.08
N LYS A 158 2.66 1.70 9.58
CA LYS A 158 1.78 2.48 10.46
C LYS A 158 1.00 1.57 11.41
N SER A 159 0.50 0.46 10.87
CA SER A 159 -0.28 -0.49 11.65
C SER A 159 0.53 -1.08 12.78
N ILE A 160 1.74 -1.55 12.48
CA ILE A 160 2.59 -2.12 13.52
C ILE A 160 2.89 -1.05 14.57
N ALA A 161 3.20 0.16 14.12
CA ALA A 161 3.50 1.24 15.06
C ALA A 161 2.32 1.51 16.00
N LEU A 162 1.12 1.64 15.45
CA LEU A 162 -0.04 1.94 16.28
C LEU A 162 -0.44 0.77 17.19
N ASP A 163 -0.32 -0.44 16.66
CA ASP A 163 -0.71 -1.64 17.42
C ASP A 163 0.21 -1.99 18.58
N TYR A 164 1.50 -1.66 18.48
CA TYR A 164 2.43 -2.00 19.54
C TYR A 164 3.07 -0.86 20.35
N ALA A 165 2.67 0.38 20.08
CA ALA A 165 3.19 1.50 20.86
C ALA A 165 2.60 1.34 22.26
N PRO A 166 3.32 1.79 23.30
CA PRO A 166 4.64 2.44 23.32
C PRO A 166 5.81 1.50 23.47
N LEU A 167 5.54 0.21 23.60
CA LEU A 167 6.60 -0.78 23.79
C LEU A 167 7.59 -0.88 22.65
N LEU A 168 7.06 -1.04 21.45
CA LEU A 168 7.86 -1.21 20.26
C LEU A 168 7.55 -0.12 19.25
N ARG A 169 8.58 0.37 18.57
CA ARG A 169 8.40 1.42 17.56
C ARG A 169 8.58 0.78 16.19
N CYS A 170 7.94 1.35 15.18
CA CYS A 170 8.07 0.85 13.82
C CYS A 170 8.02 2.05 12.88
N ASN A 171 9.06 2.17 12.06
CA ASN A 171 9.16 3.26 11.09
C ASN A 171 9.68 2.71 9.76
N ALA A 172 9.58 3.54 8.72
CA ALA A 172 10.08 3.14 7.42
C ALA A 172 11.09 4.16 6.92
N VAL A 173 11.92 3.74 5.98
CA VAL A 173 12.89 4.63 5.32
C VAL A 173 12.48 4.61 3.84
N CYS A 174 12.41 5.78 3.23
CA CYS A 174 11.97 5.93 1.84
C CYS A 174 13.10 6.47 0.96
N PRO A 175 13.97 5.58 0.46
CA PRO A 175 15.08 6.04 -0.38
C PRO A 175 14.70 6.30 -1.84
N ALA A 176 15.42 7.23 -2.46
CA ALA A 176 15.23 7.50 -3.89
C ALA A 176 16.31 6.63 -4.55
N THR A 177 16.91 7.07 -5.65
CA THR A 177 17.90 6.22 -6.31
C THR A 177 19.18 6.04 -5.50
N ILE A 178 19.53 4.78 -5.22
CA ILE A 178 20.72 4.47 -4.45
C ILE A 178 21.65 3.54 -5.26
N ASP A 179 22.96 3.78 -5.17
CA ASP A 179 23.92 2.97 -5.92
C ASP A 179 23.97 1.54 -5.35
N THR A 180 23.25 0.63 -6.00
CA THR A 180 23.19 -0.78 -5.57
C THR A 180 23.08 -1.69 -6.79
N PRO A 181 23.15 -3.02 -6.56
CA PRO A 181 23.05 -3.95 -7.69
C PRO A 181 21.74 -3.79 -8.44
N LEU A 182 20.65 -3.61 -7.71
CA LEU A 182 19.34 -3.44 -8.30
C LEU A 182 19.32 -2.25 -9.28
N VAL A 183 19.91 -1.13 -8.85
CA VAL A 183 19.95 0.07 -9.69
C VAL A 183 20.93 -0.08 -10.85
N ARG A 184 22.08 -0.71 -10.60
CA ARG A 184 23.05 -0.90 -11.67
C ARG A 184 22.37 -1.78 -12.72
N LYS A 185 21.59 -2.75 -12.25
CA LYS A 185 20.88 -3.67 -13.14
C LYS A 185 19.85 -2.88 -13.96
N ALA A 186 19.09 -2.02 -13.29
CA ALA A 186 18.08 -1.22 -13.96
C ALA A 186 18.70 -0.40 -15.08
N ALA A 187 19.88 0.17 -14.83
CA ALA A 187 20.57 0.98 -15.82
C ALA A 187 20.98 0.10 -17.00
N GLU A 188 21.54 -1.06 -16.71
CA GLU A 188 21.96 -1.97 -17.77
C GLU A 188 20.77 -2.38 -18.63
N LEU A 189 19.63 -2.66 -18.00
CA LEU A 189 18.43 -3.04 -18.73
C LEU A 189 18.01 -1.95 -19.72
N GLU A 190 18.51 -0.74 -19.50
CA GLU A 190 18.17 0.38 -20.37
C GLU A 190 19.29 0.73 -21.36
N VAL A 191 20.54 0.69 -20.92
CA VAL A 191 21.63 1.07 -21.80
C VAL A 191 22.69 0.01 -22.14
N GLY A 192 22.61 -1.16 -21.51
CA GLY A 192 23.58 -2.20 -21.80
C GLY A 192 24.64 -2.33 -20.73
N SER A 193 25.70 -3.10 -21.04
CA SER A 193 26.78 -3.35 -20.09
C SER A 193 27.97 -2.39 -20.13
N ASP A 194 28.02 -1.50 -21.11
CA ASP A 194 29.12 -0.54 -21.23
C ASP A 194 29.20 0.34 -19.98
N PRO A 195 30.24 0.15 -19.15
CA PRO A 195 30.40 0.94 -17.92
C PRO A 195 30.34 2.45 -18.16
N MET A 196 30.70 2.86 -19.37
CA MET A 196 30.67 4.26 -19.76
C MET A 196 29.22 4.72 -19.95
N ARG A 197 28.42 3.89 -20.60
CA ARG A 197 27.01 4.21 -20.84
C ARG A 197 26.20 4.04 -19.56
N ILE A 198 26.63 3.12 -18.70
CA ILE A 198 25.94 2.88 -17.44
C ILE A 198 26.15 4.07 -16.51
N GLU A 199 27.36 4.64 -16.53
CA GLU A 199 27.64 5.79 -15.68
C GLU A 199 26.85 7.01 -16.16
N LYS A 200 26.67 7.10 -17.48
CA LYS A 200 25.94 8.21 -18.05
C LYS A 200 24.48 8.13 -17.65
N LYS A 201 23.94 6.91 -17.64
CA LYS A 201 22.55 6.71 -17.26
C LYS A 201 22.36 7.06 -15.80
N ILE A 202 23.24 6.55 -14.96
CA ILE A 202 23.17 6.82 -13.52
C ILE A 202 23.37 8.31 -13.25
N SER A 203 24.26 8.93 -14.01
CA SER A 203 24.51 10.36 -13.84
C SER A 203 23.24 11.13 -14.19
N GLU A 204 22.51 10.65 -15.19
CA GLU A 204 21.26 11.29 -15.60
C GLU A 204 20.28 11.24 -14.45
N TRP A 205 20.12 10.05 -13.86
CA TRP A 205 19.22 9.91 -12.74
C TRP A 205 19.67 10.79 -11.59
N GLY A 206 20.97 10.81 -11.33
CA GLY A 206 21.49 11.63 -10.25
C GLY A 206 21.17 13.10 -10.45
N HIS A 207 21.22 13.57 -11.69
CA HIS A 207 20.94 14.97 -11.98
C HIS A 207 19.47 15.32 -11.83
N GLU A 208 18.63 14.30 -11.75
CA GLU A 208 17.20 14.53 -11.56
C GLU A 208 16.94 14.80 -10.07
N HIS A 209 17.86 14.37 -9.21
CA HIS A 209 17.75 14.60 -7.76
C HIS A 209 18.35 15.97 -7.46
N PRO A 210 17.71 16.76 -6.58
CA PRO A 210 18.27 18.08 -6.26
C PRO A 210 19.74 17.97 -5.80
N MET A 211 20.09 16.90 -5.08
CA MET A 211 21.46 16.73 -4.60
C MET A 211 22.46 16.46 -5.74
N GLN A 212 21.95 16.32 -6.96
CA GLN A 212 22.76 16.13 -8.17
C GLN A 212 23.58 14.85 -8.27
N ARG A 213 23.19 13.83 -7.52
CA ARG A 213 23.86 12.54 -7.55
C ARG A 213 22.89 11.55 -6.97
N ILE A 214 23.14 10.26 -7.19
CA ILE A 214 22.27 9.27 -6.59
C ILE A 214 22.85 9.02 -5.20
N GLY A 215 22.10 8.38 -4.33
CA GLY A 215 22.58 8.13 -2.99
C GLY A 215 23.50 6.93 -2.85
N LYS A 216 24.13 6.81 -1.70
CA LYS A 216 25.03 5.71 -1.41
C LYS A 216 24.35 4.84 -0.36
N PRO A 217 24.57 3.52 -0.44
CA PRO A 217 23.96 2.59 0.52
C PRO A 217 24.18 2.99 1.98
N GLN A 218 25.38 3.49 2.29
CA GLN A 218 25.70 3.88 3.65
C GLN A 218 24.80 5.03 4.13
N GLU A 219 24.30 5.84 3.19
CA GLU A 219 23.44 6.96 3.57
C GLU A 219 22.07 6.46 4.02
N VAL A 220 21.60 5.37 3.42
CA VAL A 220 20.33 4.80 3.83
C VAL A 220 20.58 4.14 5.18
N ALA A 221 21.73 3.48 5.31
CA ALA A 221 22.07 2.81 6.56
C ALA A 221 22.09 3.76 7.76
N SER A 222 22.55 5.00 7.56
CA SER A 222 22.58 5.97 8.66
C SER A 222 21.16 6.26 9.15
N ALA A 223 20.22 6.37 8.21
CA ALA A 223 18.83 6.65 8.57
C ALA A 223 18.24 5.47 9.33
N VAL A 224 18.56 4.25 8.90
CA VAL A 224 18.05 3.07 9.56
C VAL A 224 18.60 2.97 11.00
N ALA A 225 19.90 3.21 11.15
CA ALA A 225 20.51 3.15 12.47
C ALA A 225 19.88 4.18 13.38
N PHE A 226 19.65 5.38 12.86
CA PHE A 226 19.02 6.43 13.67
C PHE A 226 17.63 6.01 14.16
N LEU A 227 16.79 5.53 13.24
CA LEU A 227 15.44 5.12 13.62
C LEU A 227 15.42 3.89 14.55
N ALA A 228 16.43 3.05 14.44
CA ALA A 228 16.49 1.85 15.26
C ALA A 228 16.95 2.19 16.68
N SER A 229 17.67 3.30 16.81
CA SER A 229 18.23 3.72 18.10
C SER A 229 17.28 4.49 19.03
N ARG A 230 17.75 4.66 20.27
CA ARG A 230 16.96 5.39 21.25
C ARG A 230 16.95 6.88 20.91
N GLU A 231 17.76 7.28 19.93
CA GLU A 231 17.79 8.68 19.50
C GLU A 231 16.44 9.00 18.84
N ALA A 232 15.69 7.96 18.47
CA ALA A 232 14.40 8.16 17.83
C ALA A 232 13.27 7.65 18.74
N SER A 233 13.49 7.76 20.04
CA SER A 233 12.54 7.28 21.03
C SER A 233 11.11 7.80 20.94
N PHE A 234 10.90 8.98 20.35
CA PHE A 234 9.54 9.50 20.24
C PHE A 234 9.12 9.52 18.76
N ILE A 235 9.79 8.72 17.95
CA ILE A 235 9.46 8.65 16.51
C ILE A 235 8.92 7.27 16.19
N THR A 236 7.68 7.22 15.72
CA THR A 236 7.09 5.95 15.35
C THR A 236 5.98 6.17 14.32
N GLY A 237 5.85 5.22 13.41
CA GLY A 237 4.83 5.27 12.38
C GLY A 237 5.11 6.15 11.17
N THR A 238 6.32 6.69 11.07
CA THR A 238 6.64 7.60 9.98
C THR A 238 7.59 7.03 8.93
N CYS A 239 7.76 7.73 7.81
CA CYS A 239 8.77 7.31 6.82
C CYS A 239 9.76 8.43 6.72
N LEU A 240 11.03 8.11 6.90
CA LEU A 240 12.08 9.11 6.79
C LEU A 240 12.57 9.01 5.35
N TYR A 241 12.36 10.07 4.57
CA TYR A 241 12.76 10.09 3.17
C TYR A 241 14.24 10.41 3.04
N VAL A 242 14.96 9.53 2.36
CA VAL A 242 16.41 9.68 2.11
C VAL A 242 16.42 9.72 0.60
N ASP A 243 16.04 10.88 0.06
CA ASP A 243 15.87 11.03 -1.37
C ASP A 243 16.58 12.15 -2.10
N GLY A 244 17.54 12.79 -1.44
CA GLY A 244 18.28 13.86 -2.08
C GLY A 244 17.37 14.98 -2.56
N GLY A 245 16.18 15.05 -1.97
CA GLY A 245 15.19 16.06 -2.32
C GLY A 245 14.28 15.71 -3.50
N LEU A 246 14.38 14.48 -4.00
CA LEU A 246 13.60 14.11 -5.17
C LEU A 246 12.08 14.29 -5.02
N SER A 247 11.53 13.86 -3.90
CA SER A 247 10.09 13.95 -3.72
C SER A 247 9.50 15.34 -3.58
N ILE A 248 10.33 16.38 -3.50
CA ILE A 248 9.76 17.73 -3.39
C ILE A 248 9.99 18.57 -4.64
N ARG A 249 10.57 17.94 -5.66
CA ARG A 249 10.87 18.63 -6.91
C ARG A 249 9.86 18.50 -8.04
N ALA A 250 9.32 19.63 -8.49
CA ALA A 250 8.41 19.63 -9.64
C ALA A 250 9.35 19.81 -10.85
N PRO A 251 9.15 19.02 -11.91
CA PRO A 251 9.98 19.11 -13.13
C PRO A 251 9.57 20.20 -14.11
N ILE A 252 9.27 21.38 -13.57
CA ILE A 252 8.84 22.52 -14.38
C ILE A 252 9.85 23.65 -14.21
N SER A 253 10.51 24.02 -15.31
CA SER A 253 11.53 25.07 -15.28
C SER A 253 10.94 26.45 -14.94
N THR A 254 11.78 27.30 -14.38
CA THR A 254 11.40 28.67 -14.05
C THR A 254 12.54 29.56 -14.56
N PRO A 255 12.26 30.86 -14.78
CA PRO A 255 13.33 31.74 -15.27
C PRO A 255 14.48 31.88 -14.29
N GLU A 256 15.70 31.81 -14.82
CA GLU A 256 16.92 31.92 -14.02
C GLU A 256 17.79 33.06 -14.52
N GLY B 2 -26.13 17.39 -12.16
CA GLY B 2 -25.64 16.12 -12.80
C GLY B 2 -24.56 16.37 -13.84
N PHE B 3 -23.93 15.29 -14.28
CA PHE B 3 -22.88 15.35 -15.29
C PHE B 3 -23.42 14.74 -16.57
N SER B 4 -23.88 15.59 -17.47
CA SER B 4 -24.46 15.13 -18.73
C SER B 4 -23.64 14.13 -19.55
N ASP B 5 -22.31 14.16 -19.41
CA ASP B 5 -21.47 13.24 -20.18
C ASP B 5 -21.59 11.78 -19.72
N LEU B 6 -22.11 11.55 -18.52
CA LEU B 6 -22.23 10.18 -18.03
C LEU B 6 -23.40 9.43 -18.67
N ARG B 7 -24.30 10.16 -19.32
CA ARG B 7 -25.43 9.52 -19.94
C ARG B 7 -25.01 8.50 -21.01
N ASP B 8 -25.60 7.32 -20.94
CA ASP B 8 -25.33 6.24 -21.87
C ASP B 8 -23.95 5.59 -21.74
N LYS B 9 -23.14 6.08 -20.80
CA LYS B 9 -21.82 5.50 -20.60
C LYS B 9 -21.98 4.17 -19.84
N VAL B 10 -21.16 3.18 -20.18
CA VAL B 10 -21.20 1.88 -19.52
C VAL B 10 -20.34 1.98 -18.26
N VAL B 11 -20.96 1.71 -17.11
CA VAL B 11 -20.29 1.80 -15.83
C VAL B 11 -20.34 0.49 -15.04
N ILE B 12 -19.17 -0.01 -14.65
CA ILE B 12 -19.07 -1.24 -13.87
C ILE B 12 -18.74 -0.83 -12.43
N VAL B 13 -19.45 -1.40 -11.46
CA VAL B 13 -19.20 -1.09 -10.06
C VAL B 13 -19.11 -2.43 -9.34
N THR B 14 -17.99 -2.68 -8.67
CA THR B 14 -17.86 -3.95 -7.94
C THR B 14 -18.38 -3.73 -6.52
N GLY B 15 -18.95 -4.78 -5.94
CA GLY B 15 -19.49 -4.68 -4.60
C GLY B 15 -20.61 -3.65 -4.50
N ALA B 16 -21.52 -3.66 -5.47
CA ALA B 16 -22.62 -2.71 -5.48
C ALA B 16 -23.97 -3.28 -5.01
N SER B 17 -23.92 -4.40 -4.29
CA SER B 17 -25.17 -5.00 -3.81
C SER B 17 -25.63 -4.36 -2.49
N MET B 18 -24.80 -3.51 -1.90
CA MET B 18 -25.14 -2.83 -0.65
C MET B 18 -24.16 -1.72 -0.31
N GLY B 19 -24.47 -0.94 0.72
CA GLY B 19 -23.61 0.14 1.18
C GLY B 19 -23.18 1.17 0.16
N ILE B 20 -21.92 1.57 0.23
CA ILE B 20 -21.36 2.57 -0.66
C ILE B 20 -21.47 2.15 -2.13
N GLY B 21 -21.17 0.89 -2.42
CA GLY B 21 -21.25 0.39 -3.77
C GLY B 21 -22.63 0.56 -4.36
N ARG B 22 -23.65 0.23 -3.57
CA ARG B 22 -25.01 0.36 -4.04
C ARG B 22 -25.35 1.83 -4.32
N ALA B 23 -24.91 2.72 -3.44
CA ALA B 23 -25.18 4.15 -3.62
C ALA B 23 -24.49 4.67 -4.87
N ILE B 24 -23.31 4.14 -5.17
CA ILE B 24 -22.58 4.55 -6.36
C ILE B 24 -23.33 4.10 -7.61
N ALA B 25 -23.76 2.84 -7.62
CA ALA B 25 -24.48 2.32 -8.78
C ALA B 25 -25.76 3.13 -8.99
N GLU B 26 -26.49 3.38 -7.91
CA GLU B 26 -27.72 4.15 -8.00
C GLU B 26 -27.50 5.57 -8.54
N ARG B 27 -26.42 6.22 -8.14
CA ARG B 27 -26.12 7.56 -8.64
C ARG B 27 -25.85 7.53 -10.14
N PHE B 28 -25.08 6.55 -10.60
CA PHE B 28 -24.80 6.48 -12.02
C PHE B 28 -26.10 6.15 -12.78
N VAL B 29 -26.98 5.35 -12.17
CA VAL B 29 -28.23 5.07 -12.87
C VAL B 29 -29.00 6.38 -13.03
N ASP B 30 -28.97 7.22 -12.00
CA ASP B 30 -29.66 8.51 -12.05
C ASP B 30 -29.05 9.44 -13.10
N GLU B 31 -27.76 9.26 -13.38
CA GLU B 31 -27.07 10.06 -14.39
C GLU B 31 -27.33 9.54 -15.81
N GLY B 32 -28.13 8.48 -15.90
CA GLY B 32 -28.46 7.90 -17.20
C GLY B 32 -27.45 6.91 -17.74
N SER B 33 -26.52 6.47 -16.90
CA SER B 33 -25.52 5.50 -17.34
C SER B 33 -26.10 4.08 -17.38
N LYS B 34 -25.38 3.19 -18.05
CA LYS B 34 -25.74 1.77 -18.15
C LYS B 34 -24.84 1.14 -17.09
N VAL B 35 -25.44 0.77 -15.96
CA VAL B 35 -24.68 0.26 -14.81
C VAL B 35 -24.76 -1.23 -14.53
N ILE B 36 -23.61 -1.85 -14.29
CA ILE B 36 -23.56 -3.28 -13.97
C ILE B 36 -22.77 -3.50 -12.68
N ASP B 37 -23.40 -4.22 -11.75
CA ASP B 37 -22.79 -4.55 -10.46
C ASP B 37 -22.13 -5.91 -10.55
N LEU B 38 -20.89 -6.01 -10.10
CA LEU B 38 -20.18 -7.28 -10.06
C LEU B 38 -19.99 -7.53 -8.57
N SER B 39 -20.77 -8.45 -8.00
CA SER B 39 -20.63 -8.76 -6.58
C SER B 39 -21.11 -10.18 -6.28
N ILE B 40 -20.70 -10.69 -5.13
CA ILE B 40 -21.08 -12.04 -4.73
C ILE B 40 -22.50 -12.14 -4.20
N HIS B 41 -23.06 -11.02 -3.76
CA HIS B 41 -24.42 -11.00 -3.23
C HIS B 41 -25.42 -10.37 -4.18
N ASP B 42 -26.63 -10.92 -4.21
CA ASP B 42 -27.67 -10.41 -5.09
C ASP B 42 -28.38 -9.23 -4.44
N PRO B 43 -28.33 -8.04 -5.07
CA PRO B 43 -28.97 -6.83 -4.55
C PRO B 43 -30.49 -6.93 -4.65
N GLY B 44 -30.96 -7.95 -5.36
CA GLY B 44 -32.39 -8.14 -5.53
C GLY B 44 -32.97 -7.10 -6.46
N GLU B 45 -34.14 -6.57 -6.10
CA GLU B 45 -34.80 -5.55 -6.90
C GLU B 45 -33.86 -4.35 -7.00
N ALA B 46 -33.37 -4.07 -8.21
CA ALA B 46 -32.46 -2.96 -8.41
C ALA B 46 -32.58 -2.33 -9.79
N LYS B 47 -32.35 -1.02 -9.85
CA LYS B 47 -32.43 -0.25 -11.08
C LYS B 47 -31.24 -0.52 -12.01
N TYR B 48 -30.26 -1.26 -11.53
CA TYR B 48 -29.07 -1.58 -12.30
C TYR B 48 -28.91 -3.08 -12.48
N ASP B 49 -28.09 -3.49 -13.45
CA ASP B 49 -27.86 -4.90 -13.69
C ASP B 49 -26.94 -5.49 -12.63
N HIS B 50 -27.11 -6.78 -12.38
CA HIS B 50 -26.27 -7.48 -11.41
C HIS B 50 -25.74 -8.77 -12.01
N ILE B 51 -24.47 -9.05 -11.73
CA ILE B 51 -23.83 -10.27 -12.19
C ILE B 51 -23.12 -10.88 -10.99
N GLU B 52 -23.40 -12.16 -10.73
CA GLU B 52 -22.75 -12.86 -9.63
C GLU B 52 -21.28 -12.96 -9.99
N CYS B 53 -20.42 -12.32 -9.20
CA CYS B 53 -19.00 -12.35 -9.50
C CYS B 53 -18.15 -12.15 -8.27
N ASP B 54 -17.19 -13.05 -8.09
CA ASP B 54 -16.24 -13.01 -6.97
C ASP B 54 -15.00 -12.32 -7.54
N VAL B 55 -14.70 -11.12 -7.04
CA VAL B 55 -13.55 -10.36 -7.54
C VAL B 55 -12.18 -11.01 -7.33
N THR B 56 -12.12 -12.05 -6.50
CA THR B 56 -10.85 -12.73 -6.24
C THR B 56 -10.65 -13.91 -7.20
N ASN B 57 -11.64 -14.14 -8.07
CA ASN B 57 -11.60 -15.23 -9.05
C ASN B 57 -11.37 -14.57 -10.41
N PRO B 58 -10.12 -14.54 -10.89
CA PRO B 58 -9.86 -13.92 -12.19
C PRO B 58 -10.65 -14.47 -13.38
N ASP B 59 -10.88 -15.78 -13.41
CA ASP B 59 -11.64 -16.37 -14.50
C ASP B 59 -13.04 -15.76 -14.55
N GLN B 60 -13.63 -15.59 -13.37
CA GLN B 60 -14.97 -15.04 -13.27
C GLN B 60 -14.96 -13.54 -13.59
N VAL B 61 -13.97 -12.82 -13.09
CA VAL B 61 -13.89 -11.39 -13.36
C VAL B 61 -13.74 -11.16 -14.86
N LYS B 62 -12.80 -11.85 -15.48
CA LYS B 62 -12.58 -11.73 -16.92
C LYS B 62 -13.84 -12.03 -17.73
N ALA B 63 -14.55 -13.10 -17.36
CA ALA B 63 -15.76 -13.47 -18.10
C ALA B 63 -16.88 -12.46 -17.93
N SER B 64 -17.00 -11.89 -16.74
CA SER B 64 -18.03 -10.90 -16.47
C SER B 64 -17.76 -9.66 -17.31
N ILE B 65 -16.51 -9.23 -17.36
CA ILE B 65 -16.13 -8.05 -18.12
C ILE B 65 -16.32 -8.30 -19.63
N ASP B 66 -16.07 -9.53 -20.06
CA ASP B 66 -16.27 -9.87 -21.47
C ASP B 66 -17.74 -9.79 -21.83
N HIS B 67 -18.58 -10.30 -20.93
CA HIS B 67 -20.02 -10.28 -21.13
C HIS B 67 -20.54 -8.85 -21.21
N ILE B 68 -19.99 -7.98 -20.36
CA ILE B 68 -20.43 -6.59 -20.35
C ILE B 68 -20.05 -5.86 -21.64
N PHE B 69 -18.82 -6.04 -22.09
CA PHE B 69 -18.36 -5.39 -23.30
C PHE B 69 -19.13 -5.86 -24.53
N LYS B 70 -19.33 -7.17 -24.64
CA LYS B 70 -20.05 -7.73 -25.77
C LYS B 70 -21.52 -7.30 -25.79
N GLU B 71 -22.15 -7.27 -24.63
CA GLU B 71 -23.54 -6.88 -24.52
C GLU B 71 -23.78 -5.38 -24.71
N TYR B 72 -22.90 -4.57 -24.12
CA TYR B 72 -23.04 -3.12 -24.16
C TYR B 72 -22.23 -2.36 -25.21
N GLY B 73 -21.18 -2.98 -25.71
CA GLY B 73 -20.37 -2.36 -26.75
C GLY B 73 -19.19 -1.51 -26.31
N SER B 74 -19.07 -1.28 -25.01
CA SER B 74 -17.97 -0.48 -24.48
C SER B 74 -17.98 -0.54 -22.96
N ILE B 75 -16.93 0.03 -22.36
CA ILE B 75 -16.81 0.15 -20.92
C ILE B 75 -16.08 1.47 -20.72
N SER B 76 -16.78 2.45 -20.16
CA SER B 76 -16.20 3.76 -19.94
C SER B 76 -15.72 4.01 -18.53
N VAL B 77 -16.39 3.41 -17.55
CA VAL B 77 -16.02 3.61 -16.16
C VAL B 77 -15.99 2.32 -15.36
N LEU B 78 -14.94 2.16 -14.54
CA LEU B 78 -14.84 1.01 -13.65
C LEU B 78 -14.63 1.60 -12.27
N VAL B 79 -15.52 1.25 -11.36
CA VAL B 79 -15.41 1.69 -9.97
C VAL B 79 -15.07 0.44 -9.15
N ASN B 80 -13.86 0.37 -8.63
CA ASN B 80 -13.48 -0.77 -7.79
C ASN B 80 -13.90 -0.37 -6.39
N ASN B 81 -14.84 -1.12 -5.81
CA ASN B 81 -15.37 -0.81 -4.50
C ASN B 81 -15.44 -2.01 -3.55
N ALA B 82 -15.60 -3.21 -4.09
CA ALA B 82 -15.71 -4.39 -3.24
C ALA B 82 -14.57 -4.47 -2.22
N GLY B 83 -14.95 -4.70 -0.96
CA GLY B 83 -13.95 -4.78 0.08
C GLY B 83 -14.50 -5.39 1.35
N ILE B 84 -13.60 -5.89 2.19
CA ILE B 84 -13.97 -6.48 3.46
C ILE B 84 -13.04 -5.99 4.55
N GLU B 85 -13.43 -6.26 5.79
CA GLU B 85 -12.60 -5.91 6.93
C GLU B 85 -12.91 -6.79 8.14
N SER B 86 -11.87 -7.30 8.76
CA SER B 86 -11.98 -8.08 9.98
C SER B 86 -10.83 -7.53 10.82
N TYR B 87 -10.87 -7.74 12.13
CA TYR B 87 -9.87 -7.17 13.01
C TYR B 87 -8.96 -8.13 13.75
N GLY B 88 -7.80 -7.60 14.15
CA GLY B 88 -6.84 -8.38 14.89
C GLY B 88 -5.43 -7.86 14.72
N LYS B 89 -4.62 -7.98 15.77
CA LYS B 89 -3.24 -7.53 15.68
C LYS B 89 -2.51 -8.55 14.82
N ILE B 90 -1.39 -8.14 14.25
CA ILE B 90 -0.62 -9.02 13.38
C ILE B 90 -0.34 -10.37 14.05
N GLU B 91 -0.38 -10.39 15.38
CA GLU B 91 -0.13 -11.61 16.14
C GLU B 91 -1.32 -12.56 16.29
N SER B 92 -2.52 -12.00 16.36
CA SER B 92 -3.72 -12.81 16.55
C SER B 92 -4.41 -13.29 15.27
N MET B 93 -4.48 -12.42 14.27
CA MET B 93 -5.14 -12.81 13.02
C MET B 93 -4.35 -13.91 12.35
N SER B 94 -5.05 -14.92 11.82
CA SER B 94 -4.38 -16.02 11.13
C SER B 94 -3.80 -15.47 9.84
N MET B 95 -2.75 -16.11 9.34
CA MET B 95 -2.14 -15.66 8.10
C MET B 95 -3.15 -15.81 6.98
N GLY B 96 -3.97 -16.84 7.04
CA GLY B 96 -4.97 -17.03 5.99
C GLY B 96 -5.96 -15.88 5.92
N GLU B 97 -6.40 -15.38 7.06
CA GLU B 97 -7.36 -14.28 7.07
C GLU B 97 -6.68 -13.00 6.62
N TRP B 98 -5.42 -12.83 7.02
CA TRP B 98 -4.67 -11.63 6.64
C TRP B 98 -4.53 -11.61 5.12
N ARG B 99 -4.13 -12.73 4.53
CA ARG B 99 -3.98 -12.83 3.07
C ARG B 99 -5.31 -12.61 2.35
N ARG B 100 -6.39 -13.09 2.92
CA ARG B 100 -7.71 -12.95 2.30
C ARG B 100 -8.11 -11.49 2.15
N ILE B 101 -7.86 -10.70 3.19
CA ILE B 101 -8.20 -9.28 3.14
C ILE B 101 -7.40 -8.62 2.01
N ILE B 102 -6.13 -9.00 1.88
CA ILE B 102 -5.32 -8.44 0.81
C ILE B 102 -5.86 -8.92 -0.54
N ASP B 103 -6.28 -10.17 -0.61
CA ASP B 103 -6.82 -10.72 -1.86
C ASP B 103 -8.07 -9.97 -2.34
N VAL B 104 -9.02 -9.75 -1.45
CA VAL B 104 -10.23 -9.06 -1.86
C VAL B 104 -9.98 -7.58 -2.11
N ASN B 105 -9.38 -6.92 -1.13
CA ASN B 105 -9.17 -5.48 -1.19
C ASN B 105 -8.16 -4.94 -2.19
N LEU B 106 -7.13 -5.73 -2.47
CA LEU B 106 -6.11 -5.31 -3.41
C LEU B 106 -6.16 -6.13 -4.69
N PHE B 107 -6.06 -7.44 -4.59
CA PHE B 107 -6.05 -8.22 -5.82
C PHE B 107 -7.35 -8.12 -6.59
N GLY B 108 -8.46 -7.90 -5.88
CA GLY B 108 -9.74 -7.75 -6.55
C GLY B 108 -9.69 -6.52 -7.45
N TYR B 109 -9.08 -5.45 -6.95
CA TYR B 109 -8.96 -4.21 -7.73
C TYR B 109 -8.00 -4.46 -8.89
N TYR B 110 -6.93 -5.21 -8.62
CA TYR B 110 -5.96 -5.53 -9.66
C TYR B 110 -6.60 -6.37 -10.78
N TYR B 111 -7.33 -7.43 -10.44
CA TYR B 111 -7.94 -8.24 -11.49
C TYR B 111 -8.95 -7.45 -12.34
N ALA B 112 -9.88 -6.75 -11.71
CA ALA B 112 -10.88 -5.99 -12.44
C ALA B 112 -10.24 -4.95 -13.34
N SER B 113 -9.24 -4.24 -12.82
CA SER B 113 -8.55 -3.22 -13.60
C SER B 113 -7.82 -3.87 -14.77
N LYS B 114 -7.10 -4.96 -14.49
CA LYS B 114 -6.34 -5.65 -15.51
C LYS B 114 -7.21 -6.10 -16.68
N PHE B 115 -8.36 -6.68 -16.39
CA PHE B 115 -9.20 -7.18 -17.47
C PHE B 115 -10.07 -6.12 -18.14
N ALA B 116 -10.37 -5.04 -17.42
CA ALA B 116 -11.20 -3.99 -18.00
C ALA B 116 -10.42 -3.01 -18.86
N ILE B 117 -9.19 -2.70 -18.48
CA ILE B 117 -8.37 -1.74 -19.20
C ILE B 117 -8.28 -1.87 -20.73
N PRO B 118 -8.03 -3.10 -21.24
CA PRO B 118 -7.94 -3.23 -22.71
C PRO B 118 -9.23 -2.80 -23.42
N TYR B 119 -10.36 -2.97 -22.76
CA TYR B 119 -11.64 -2.59 -23.34
C TYR B 119 -11.84 -1.09 -23.15
N MET B 120 -11.56 -0.62 -21.95
CA MET B 120 -11.75 0.79 -21.64
C MET B 120 -10.95 1.74 -22.54
N ILE B 121 -9.72 1.38 -22.88
CA ILE B 121 -8.89 2.27 -23.71
C ILE B 121 -9.40 2.41 -25.13
N ARG B 122 -10.39 1.59 -25.50
CA ARG B 122 -10.99 1.64 -26.83
C ARG B 122 -12.27 2.47 -26.74
N SER B 123 -12.66 2.80 -25.52
CA SER B 123 -13.89 3.54 -25.27
C SER B 123 -13.69 5.03 -25.07
N ARG B 124 -14.80 5.72 -24.78
CA ARG B 124 -14.79 7.15 -24.61
C ARG B 124 -14.52 7.60 -23.18
N ASP B 125 -13.62 8.58 -23.06
CA ASP B 125 -13.23 9.17 -21.77
C ASP B 125 -13.09 8.14 -20.66
N PRO B 126 -12.31 7.06 -20.89
CA PRO B 126 -12.20 6.07 -19.82
C PRO B 126 -11.67 6.59 -18.49
N SER B 127 -12.31 6.16 -17.41
CA SER B 127 -11.94 6.57 -16.07
C SER B 127 -12.17 5.45 -15.07
N ILE B 128 -11.17 5.22 -14.22
CA ILE B 128 -11.29 4.20 -13.18
C ILE B 128 -11.26 4.93 -11.85
N VAL B 129 -12.18 4.58 -10.95
CA VAL B 129 -12.19 5.20 -9.62
C VAL B 129 -12.08 4.07 -8.62
N ASN B 130 -11.06 4.12 -7.76
CA ASN B 130 -10.86 3.08 -6.75
C ASN B 130 -11.24 3.58 -5.37
N ILE B 131 -12.03 2.80 -4.65
CA ILE B 131 -12.39 3.24 -3.30
C ILE B 131 -11.32 2.76 -2.33
N SER B 132 -10.59 3.71 -1.74
CA SER B 132 -9.56 3.39 -0.75
C SER B 132 -10.21 3.68 0.61
N SER B 133 -9.59 4.54 1.41
CA SER B 133 -10.12 4.89 2.73
C SER B 133 -9.34 6.06 3.31
N VAL B 134 -9.92 6.75 4.28
CA VAL B 134 -9.20 7.82 4.97
C VAL B 134 -8.01 7.14 5.64
N GLN B 135 -8.09 5.82 5.82
CA GLN B 135 -7.01 5.05 6.45
C GLN B 135 -5.80 4.82 5.54
N ALA B 136 -5.81 5.47 4.39
CA ALA B 136 -4.65 5.45 3.51
C ALA B 136 -3.73 6.52 4.14
N SER B 137 -4.28 7.30 5.08
CA SER B 137 -3.51 8.34 5.79
C SER B 137 -3.50 8.13 7.31
N ILE B 138 -4.64 8.37 7.96
CA ILE B 138 -4.74 8.18 9.41
C ILE B 138 -5.43 6.84 9.64
N ILE B 139 -4.84 6.03 10.51
CA ILE B 139 -5.32 4.67 10.70
C ILE B 139 -5.88 4.26 12.06
N THR B 140 -6.52 3.09 12.06
CA THR B 140 -7.12 2.54 13.28
C THR B 140 -6.30 1.37 13.78
N LYS B 141 -6.54 0.99 15.03
CA LYS B 141 -5.80 -0.10 15.67
C LYS B 141 -6.42 -1.44 15.33
N ASN B 142 -5.59 -2.48 15.38
CA ASN B 142 -6.02 -3.86 15.13
C ASN B 142 -6.61 -4.05 13.74
N ALA B 143 -6.06 -3.33 12.77
CA ALA B 143 -6.56 -3.41 11.39
C ALA B 143 -5.41 -3.50 10.39
N SER B 144 -4.34 -4.20 10.78
CA SER B 144 -3.15 -4.38 9.96
C SER B 144 -3.42 -4.72 8.48
N ALA B 145 -4.14 -5.81 8.23
CA ALA B 145 -4.42 -6.20 6.85
C ALA B 145 -5.23 -5.17 6.08
N TYR B 146 -6.26 -4.66 6.74
CA TYR B 146 -7.13 -3.68 6.12
C TYR B 146 -6.38 -2.42 5.77
N VAL B 147 -5.63 -1.89 6.73
CA VAL B 147 -4.87 -0.66 6.51
C VAL B 147 -3.84 -0.85 5.39
N THR B 148 -3.15 -1.98 5.41
CA THR B 148 -2.16 -2.26 4.40
C THR B 148 -2.82 -2.29 3.03
N SER B 149 -3.98 -2.96 2.95
CA SER B 149 -4.67 -3.04 1.67
C SER B 149 -5.08 -1.67 1.13
N LYS B 150 -5.53 -0.77 2.01
CA LYS B 150 -5.96 0.54 1.54
C LYS B 150 -4.81 1.41 1.07
N HIS B 151 -3.64 1.26 1.70
CA HIS B 151 -2.45 1.98 1.25
C HIS B 151 -2.05 1.38 -0.11
N ALA B 152 -2.14 0.05 -0.23
CA ALA B 152 -1.78 -0.61 -1.48
C ALA B 152 -2.64 -0.08 -2.64
N VAL B 153 -3.94 0.12 -2.37
CA VAL B 153 -4.85 0.62 -3.40
C VAL B 153 -4.39 1.96 -3.95
N ILE B 154 -3.83 2.81 -3.09
CA ILE B 154 -3.32 4.10 -3.54
C ILE B 154 -2.17 3.90 -4.53
N GLY B 155 -1.27 2.97 -4.21
CA GLY B 155 -0.16 2.70 -5.12
C GLY B 155 -0.66 2.19 -6.46
N LEU B 156 -1.63 1.28 -6.43
CA LEU B 156 -2.19 0.72 -7.65
C LEU B 156 -2.80 1.84 -8.49
N THR B 157 -3.52 2.73 -7.80
CA THR B 157 -4.17 3.87 -8.44
C THR B 157 -3.18 4.78 -9.16
N LYS B 158 -2.12 5.18 -8.46
CA LYS B 158 -1.09 6.04 -9.07
C LYS B 158 -0.44 5.36 -10.26
N SER B 159 -0.10 4.08 -10.13
CA SER B 159 0.56 3.39 -11.23
C SER B 159 -0.33 3.27 -12.47
N ILE B 160 -1.61 2.95 -12.30
CA ILE B 160 -2.49 2.86 -13.47
C ILE B 160 -2.58 4.26 -14.08
N ALA B 161 -2.71 5.28 -13.24
CA ALA B 161 -2.80 6.65 -13.75
C ALA B 161 -1.59 7.03 -14.59
N LEU B 162 -0.40 6.73 -14.07
CA LEU B 162 0.82 7.09 -14.78
C LEU B 162 1.06 6.26 -16.04
N ASP B 163 0.71 4.99 -15.97
CA ASP B 163 0.94 4.10 -17.11
C ASP B 163 -0.05 4.25 -18.25
N TYR B 164 -1.24 4.78 -17.97
CA TYR B 164 -2.24 4.91 -19.03
C TYR B 164 -2.68 6.34 -19.38
N ALA B 165 -2.05 7.34 -18.77
CA ALA B 165 -2.39 8.71 -19.11
C ALA B 165 -1.78 8.88 -20.51
N PRO B 166 -2.36 9.76 -21.35
CA PRO B 166 -3.54 10.60 -21.12
C PRO B 166 -4.88 9.99 -21.51
N LEU B 167 -4.86 8.83 -22.14
CA LEU B 167 -6.12 8.25 -22.58
C LEU B 167 -7.08 7.86 -21.46
N LEU B 168 -6.55 7.26 -20.41
CA LEU B 168 -7.38 6.81 -19.30
C LEU B 168 -6.93 7.49 -18.00
N ARG B 169 -7.90 7.88 -17.18
CA ARG B 169 -7.59 8.50 -15.89
C ARG B 169 -7.90 7.49 -14.79
N CYS B 170 -7.16 7.58 -13.70
CA CYS B 170 -7.41 6.70 -12.57
C CYS B 170 -7.20 7.49 -11.28
N ASN B 171 -8.23 7.51 -10.43
CA ASN B 171 -8.19 8.21 -9.16
C ASN B 171 -8.81 7.35 -8.08
N ALA B 172 -8.61 7.75 -6.83
CA ALA B 172 -9.20 7.03 -5.70
C ALA B 172 -10.04 7.99 -4.88
N VAL B 173 -10.97 7.42 -4.12
CA VAL B 173 -11.78 8.22 -3.20
C VAL B 173 -11.45 7.64 -1.83
N CYS B 174 -11.17 8.52 -0.86
CA CYS B 174 -10.78 8.13 0.49
C CYS B 174 -11.82 8.55 1.53
N PRO B 175 -12.84 7.70 1.76
CA PRO B 175 -13.89 8.04 2.73
C PRO B 175 -13.51 7.77 4.18
N ALA B 176 -14.06 8.56 5.09
CA ALA B 176 -13.88 8.29 6.52
C ALA B 176 -15.10 7.44 6.90
N THR B 177 -15.62 7.60 8.10
CA THR B 177 -16.77 6.76 8.51
C THR B 177 -18.06 7.06 7.74
N ILE B 178 -18.58 6.05 7.06
CA ILE B 178 -19.80 6.18 6.26
C ILE B 178 -20.85 5.18 6.79
N ASP B 179 -22.11 5.60 6.81
CA ASP B 179 -23.18 4.74 7.30
C ASP B 179 -23.42 3.58 6.31
N THR B 180 -22.88 2.40 6.64
CA THR B 180 -23.02 1.21 5.80
C THR B 180 -23.07 -0.04 6.69
N PRO B 181 -23.40 -1.20 6.12
CA PRO B 181 -23.45 -2.42 6.92
C PRO B 181 -22.08 -2.73 7.53
N LEU B 182 -21.01 -2.42 6.78
CA LEU B 182 -19.66 -2.69 7.26
C LEU B 182 -19.40 -1.92 8.56
N VAL B 183 -19.86 -0.66 8.61
CA VAL B 183 -19.68 0.17 9.80
C VAL B 183 -20.61 -0.29 10.92
N ARG B 184 -21.79 -0.78 10.55
CA ARG B 184 -22.74 -1.28 11.53
C ARG B 184 -22.13 -2.51 12.17
N LYS B 185 -21.49 -3.35 11.35
CA LYS B 185 -20.85 -4.56 11.85
C LYS B 185 -19.69 -4.16 12.78
N ALA B 186 -18.93 -3.16 12.37
CA ALA B 186 -17.80 -2.72 13.19
C ALA B 186 -18.26 -2.35 14.59
N ALA B 187 -19.34 -1.58 14.67
CA ALA B 187 -19.86 -1.16 15.97
C ALA B 187 -20.34 -2.35 16.78
N GLU B 188 -21.05 -3.26 16.12
CA GLU B 188 -21.57 -4.45 16.79
C GLU B 188 -20.44 -5.30 17.39
N LEU B 189 -19.40 -5.52 16.59
CA LEU B 189 -18.27 -6.33 17.05
C LEU B 189 -17.61 -5.68 18.27
N GLU B 190 -17.85 -4.39 18.46
CA GLU B 190 -17.25 -3.66 19.57
C GLU B 190 -18.16 -3.49 20.79
N VAL B 191 -19.42 -3.10 20.56
CA VAL B 191 -20.36 -2.86 21.66
C VAL B 191 -21.51 -3.85 21.77
N GLY B 192 -21.48 -4.90 20.95
CA GLY B 192 -22.55 -5.88 21.01
C GLY B 192 -23.70 -5.60 20.06
N SER B 193 -24.71 -6.47 20.11
CA SER B 193 -25.87 -6.36 19.23
C SER B 193 -26.95 -5.37 19.67
N ASP B 194 -26.84 -4.82 20.87
CA ASP B 194 -27.82 -3.85 21.35
C ASP B 194 -27.94 -2.70 20.35
N PRO B 195 -29.12 -2.53 19.74
CA PRO B 195 -29.36 -1.46 18.75
C PRO B 195 -29.12 -0.03 19.22
N MET B 196 -29.56 0.30 20.42
CA MET B 196 -29.37 1.66 20.94
C MET B 196 -27.93 1.93 21.35
N ARG B 197 -27.18 0.88 21.67
CA ARG B 197 -25.79 1.04 22.05
C ARG B 197 -24.97 1.22 20.77
N ILE B 198 -25.35 0.48 19.73
CA ILE B 198 -24.66 0.59 18.45
C ILE B 198 -24.86 2.04 17.99
N GLU B 199 -26.07 2.53 18.22
CA GLU B 199 -26.44 3.90 17.87
C GLU B 199 -25.52 4.90 18.56
N LYS B 200 -25.24 4.64 19.83
CA LYS B 200 -24.37 5.51 20.61
C LYS B 200 -22.95 5.47 20.09
N LYS B 201 -22.47 4.28 19.76
CA LYS B 201 -21.12 4.11 19.23
C LYS B 201 -20.95 4.88 17.94
N ILE B 202 -21.93 4.75 17.04
CA ILE B 202 -21.89 5.44 15.75
C ILE B 202 -21.89 6.96 15.97
N SER B 203 -22.71 7.41 16.91
CA SER B 203 -22.80 8.84 17.19
C SER B 203 -21.44 9.36 17.66
N GLU B 204 -20.77 8.57 18.51
CA GLU B 204 -19.46 8.91 19.03
C GLU B 204 -18.49 9.10 17.86
N TRP B 205 -18.47 8.14 16.94
CA TRP B 205 -17.56 8.24 15.80
C TRP B 205 -17.91 9.49 15.01
N GLY B 206 -19.20 9.78 14.86
CA GLY B 206 -19.59 10.97 14.11
C GLY B 206 -19.04 12.23 14.75
N HIS B 207 -19.10 12.29 16.08
CA HIS B 207 -18.63 13.47 16.78
C HIS B 207 -17.11 13.64 16.70
N GLU B 208 -16.40 12.60 16.28
CA GLU B 208 -14.94 12.69 16.14
C GLU B 208 -14.62 13.40 14.81
N HIS B 209 -15.57 13.40 13.88
CA HIS B 209 -15.37 14.06 12.60
C HIS B 209 -15.70 15.54 12.76
N PRO B 210 -14.90 16.43 12.15
CA PRO B 210 -15.24 17.85 12.29
C PRO B 210 -16.67 18.18 11.86
N MET B 211 -17.17 17.47 10.85
CA MET B 211 -18.54 17.71 10.38
C MET B 211 -19.59 17.27 11.40
N GLN B 212 -19.14 16.65 12.49
CA GLN B 212 -20.01 16.21 13.58
C GLN B 212 -21.05 15.13 13.29
N ARG B 213 -20.78 14.33 12.28
CA ARG B 213 -21.65 13.23 11.90
C ARG B 213 -20.84 12.34 10.99
N ILE B 214 -21.29 11.11 10.79
CA ILE B 214 -20.59 10.22 9.87
C ILE B 214 -21.17 10.55 8.50
N GLY B 215 -20.49 10.10 7.45
CA GLY B 215 -20.95 10.38 6.11
C GLY B 215 -22.04 9.47 5.60
N LYS B 216 -22.66 9.86 4.51
CA LYS B 216 -23.72 9.06 3.89
C LYS B 216 -23.16 8.47 2.61
N PRO B 217 -23.60 7.25 2.25
CA PRO B 217 -23.11 6.60 1.03
C PRO B 217 -23.24 7.50 -0.20
N GLN B 218 -24.33 8.26 -0.28
CA GLN B 218 -24.53 9.15 -1.43
C GLN B 218 -23.47 10.21 -1.55
N GLU B 219 -22.86 10.58 -0.42
CA GLU B 219 -21.82 11.62 -0.45
C GLU B 219 -20.55 11.06 -1.08
N VAL B 220 -20.32 9.77 -0.91
CA VAL B 220 -19.16 9.15 -1.52
C VAL B 220 -19.49 9.03 -3.02
N ALA B 221 -20.74 8.65 -3.33
CA ALA B 221 -21.14 8.50 -4.73
C ALA B 221 -20.96 9.79 -5.54
N SER B 222 -21.20 10.93 -4.89
CA SER B 222 -21.04 12.22 -5.57
C SER B 222 -19.60 12.41 -6.00
N ALA B 223 -18.66 12.09 -5.13
CA ALA B 223 -17.24 12.22 -5.43
C ALA B 223 -16.85 11.29 -6.58
N VAL B 224 -17.39 10.07 -6.55
CA VAL B 224 -17.09 9.09 -7.57
C VAL B 224 -17.62 9.54 -8.93
N ALA B 225 -18.86 10.03 -8.97
CA ALA B 225 -19.45 10.50 -10.22
C ALA B 225 -18.62 11.67 -10.78
N PHE B 226 -18.20 12.58 -9.92
CA PHE B 226 -17.38 13.71 -10.35
C PHE B 226 -16.08 13.23 -11.01
N LEU B 227 -15.34 12.36 -10.32
CA LEU B 227 -14.07 11.86 -10.84
C LEU B 227 -14.24 11.02 -12.11
N ALA B 228 -15.39 10.39 -12.27
CA ALA B 228 -15.62 9.58 -13.47
C ALA B 228 -15.97 10.46 -14.66
N SER B 229 -16.53 11.63 -14.36
CA SER B 229 -16.98 12.56 -15.39
C SER B 229 -15.88 13.36 -16.08
N ARG B 230 -16.25 13.99 -17.19
CA ARG B 230 -15.35 14.82 -17.96
C ARG B 230 -15.00 16.08 -17.18
N GLU B 231 -15.77 16.36 -16.14
CA GLU B 231 -15.52 17.53 -15.30
C GLU B 231 -14.15 17.37 -14.63
N ALA B 232 -13.69 16.13 -14.50
CA ALA B 232 -12.42 15.84 -13.86
C ALA B 232 -11.36 15.48 -14.90
N SER B 233 -11.51 16.03 -16.10
CA SER B 233 -10.61 15.74 -17.21
C SER B 233 -9.11 15.96 -16.99
N PHE B 234 -8.72 16.82 -16.05
CA PHE B 234 -7.29 17.03 -15.80
C PHE B 234 -6.94 16.52 -14.40
N ILE B 235 -7.75 15.59 -13.88
CA ILE B 235 -7.50 15.04 -12.56
C ILE B 235 -7.20 13.55 -12.70
N THR B 236 -5.97 13.17 -12.34
CA THR B 236 -5.58 11.76 -12.39
C THR B 236 -4.49 11.47 -11.36
N GLY B 237 -4.52 10.25 -10.83
CA GLY B 237 -3.54 9.80 -9.87
C GLY B 237 -3.71 10.28 -8.44
N THR B 238 -4.82 10.93 -8.13
CA THR B 238 -5.02 11.47 -6.78
C THR B 238 -6.07 10.75 -5.94
N CYS B 239 -6.14 11.05 -4.63
CA CYS B 239 -7.22 10.49 -3.83
C CYS B 239 -8.01 11.68 -3.34
N LEU B 240 -9.31 11.64 -3.58
CA LEU B 240 -10.20 12.68 -3.13
C LEU B 240 -10.74 12.23 -1.77
N TYR B 241 -10.37 12.94 -0.71
CA TYR B 241 -10.82 12.60 0.63
C TYR B 241 -12.23 13.11 0.91
N VAL B 242 -13.11 12.18 1.26
CA VAL B 242 -14.50 12.48 1.60
C VAL B 242 -14.53 12.03 3.05
N ASP B 243 -13.97 12.85 3.92
CA ASP B 243 -13.82 12.48 5.32
C ASP B 243 -14.38 13.42 6.38
N GLY B 244 -15.18 14.39 5.96
CA GLY B 244 -15.75 15.30 6.94
C GLY B 244 -14.70 16.04 7.76
N GLY B 245 -13.48 16.08 7.23
CA GLY B 245 -12.38 16.76 7.89
C GLY B 245 -11.57 15.91 8.85
N LEU B 246 -11.89 14.62 8.93
CA LEU B 246 -11.19 13.75 9.86
C LEU B 246 -9.68 13.71 9.74
N SER B 247 -9.15 13.61 8.52
CA SER B 247 -7.70 13.50 8.34
C SER B 247 -6.88 14.73 8.65
N ILE B 248 -7.53 15.87 8.87
CA ILE B 248 -6.75 17.07 9.20
C ILE B 248 -6.92 17.46 10.65
N ARG B 249 -7.64 16.65 11.42
CA ARG B 249 -7.88 16.96 12.82
C ARG B 249 -6.94 16.30 13.82
N ALA B 250 -6.24 17.10 14.61
CA ALA B 250 -5.38 16.57 15.67
C ALA B 250 -6.30 16.45 16.89
N PRO B 251 -6.21 15.34 17.63
CA PRO B 251 -7.06 15.16 18.81
C PRO B 251 -6.55 15.89 20.05
N ILE B 252 -5.99 17.08 19.84
CA ILE B 252 -5.43 17.89 20.92
C ILE B 252 -6.27 19.14 21.14
N SER B 253 -6.83 19.28 22.35
CA SER B 253 -7.67 20.43 22.66
C SER B 253 -6.87 21.72 22.76
N THR B 254 -7.57 22.84 22.57
CA THR B 254 -6.99 24.18 22.65
C THR B 254 -7.97 25.08 23.42
N PRO B 255 -7.50 26.23 23.91
CA PRO B 255 -8.36 27.15 24.65
C PRO B 255 -9.53 27.65 23.81
N GLU B 256 -10.69 27.77 24.44
CA GLU B 256 -11.88 28.26 23.74
C GLU B 256 -12.32 29.58 24.39
PA NAI C . 19.43 -5.72 -4.09
O1A NAI C . 18.85 -6.53 -5.16
O2A NAI C . 20.85 -5.34 -4.31
O5B NAI C . 19.40 -6.46 -2.68
C5B NAI C . 18.25 -7.29 -2.36
C4B NAI C . 18.52 -8.28 -1.27
O4B NAI C . 17.25 -8.97 -1.17
C3B NAI C . 19.53 -9.37 -1.66
O3B NAI C . 20.50 -9.51 -0.58
C2B NAI C . 18.66 -10.62 -1.85
O2B NAI C . 19.34 -11.85 -1.51
C1B NAI C . 17.48 -10.33 -0.97
N9A NAI C . 16.29 -11.06 -1.38
C8A NAI C . 15.55 -10.94 -2.54
N7A NAI C . 14.48 -11.76 -2.60
C5A NAI C . 14.56 -12.45 -1.37
C6A NAI C . 13.73 -13.48 -0.79
N6A NAI C . 12.65 -13.99 -1.39
N1A NAI C . 14.11 -13.94 0.47
C2A NAI C . 15.23 -13.41 1.08
N3A NAI C . 16.05 -12.48 0.63
C4A NAI C . 15.67 -12.02 -0.61
O3 NAI C . 18.53 -4.43 -3.91
PN NAI C . 18.62 -3.12 -3.00
O1N NAI C . 18.72 -2.02 -4.02
O2N NAI C . 19.81 -3.20 -2.13
O5D NAI C . 17.25 -2.85 -2.26
C5D NAI C . 17.08 -3.19 -0.89
C4D NAI C . 15.72 -2.68 -0.46
O4D NAI C . 15.72 -1.24 -0.65
C3D NAI C . 14.49 -3.21 -1.24
O3D NAI C . 13.34 -3.34 -0.38
C2D NAI C . 14.29 -2.13 -2.28
O2D NAI C . 12.94 -2.20 -2.81
C1D NAI C . 14.61 -0.90 -1.46
N1N NAI C . 14.88 0.32 -2.23
C2N NAI C . 16.02 0.31 -3.05
C3N NAI C . 16.27 1.47 -3.78
C7N NAI C . 17.46 1.63 -4.71
O7N NAI C . 17.60 2.68 -5.33
N7N NAI C . 18.36 0.62 -4.82
C4N NAI C . 15.39 2.63 -3.70
C5N NAI C . 14.27 2.50 -2.83
C6N NAI C . 13.95 1.39 -2.09
PA NAI D . -20.18 -3.25 2.69
O1A NAI D . -19.76 -4.45 3.42
O2A NAI D . -21.51 -2.75 3.08
O5B NAI D . -20.25 -3.50 1.10
C5B NAI D . -19.23 -4.35 0.47
C4B NAI D . -19.66 -4.85 -0.90
O4B NAI D . -18.52 -5.66 -1.29
C3B NAI D . -20.86 -5.82 -0.89
O3B NAI D . -21.85 -5.40 -1.86
C2B NAI D . -20.21 -7.19 -1.23
O2B NAI D . -21.07 -8.06 -2.00
C1B NAI D . -18.96 -6.80 -1.97
N9A NAI D . -17.97 -7.85 -1.86
C8A NAI D . -17.25 -8.28 -0.75
N7A NAI D . -16.39 -9.29 -1.02
C5A NAI D . -16.57 -9.49 -2.39
C6A NAI D . -15.96 -10.42 -3.33
N6A NAI D . -15.03 -11.31 -2.96
N1A NAI D . -16.38 -10.35 -4.64
C2A NAI D . -17.35 -9.42 -5.01
N3A NAI D . -17.96 -8.53 -4.24
C4A NAI D . -17.54 -8.61 -2.93
O3 NAI D . -19.08 -2.15 2.88
PN NAI D . -18.95 -0.63 2.40
O1N NAI D . -18.88 0.13 3.69
O2N NAI D . -20.12 -0.28 1.59
O5D NAI D . -17.53 -0.39 1.74
C5D NAI D . -17.41 -0.23 0.31
C4D NAI D . -15.96 0.10 0.01
O4D NAI D . -15.71 1.40 0.63
C3D NAI D . -14.87 -0.85 0.53
O3D NAI D . -13.76 -1.00 -0.38
C2D NAI D . -14.47 -0.18 1.86
O2D NAI D . -13.17 -0.62 2.28
C1D NAI D . -14.56 1.27 1.47
N1N NAI D . -14.66 2.21 2.62
C2N NAI D . -15.81 2.11 3.42
C3N NAI D . -15.87 2.99 4.51
C7N NAI D . -17.05 3.02 5.48
O7N NAI D . -17.01 3.82 6.42
N7N NAI D . -18.08 2.19 5.30
C4N NAI D . -14.82 3.95 4.79
C5N NAI D . -13.72 3.94 3.88
C6N NAI D . -13.58 3.11 2.80
#